data_3R6A
#
_entry.id   3R6A
#
_cell.length_a   62.433
_cell.length_b   62.433
_cell.length_c   149.595
_cell.angle_alpha   90.00
_cell.angle_beta   90.00
_cell.angle_gamma   120.00
#
_symmetry.space_group_name_H-M   'P 61'
#
loop_
_entity.id
_entity.type
_entity.pdbx_description
1 polymer 'Uncharacterized protein'
2 non-polymer 'ACETATE ION'
3 water water
#
_entity_poly.entity_id   1
_entity_poly.type   'polypeptide(L)'
_entity_poly.pdbx_seq_one_letter_code
;(MSE)V(MSE)KILQILSRLYVADLNPALEFYEELLETPVA(MSE)RFEIPQTGVELAQISTILLIAGSEEALKPFRNTQ
ATFLVDSLDKFKTFLEENGAEIIRGPSKVPTGRN(MSE)TVRHSDGSVIEYVEHSKIEAENLYFQSHHHHHHWSHPQFEK
;
_entity_poly.pdbx_strand_id   A,B
#
# COMPACT_ATOMS: atom_id res chain seq x y z
N LYS A 4 16.35 -2.59 -9.49
CA LYS A 4 15.70 -3.03 -8.27
C LYS A 4 14.67 -2.08 -7.70
N ILE A 5 13.64 -2.66 -7.10
CA ILE A 5 12.64 -1.84 -6.43
C ILE A 5 13.18 -1.76 -5.01
N LEU A 6 13.51 -0.55 -4.60
CA LEU A 6 14.10 -0.30 -3.29
C LEU A 6 13.07 -0.32 -2.16
N GLN A 7 11.91 0.24 -2.42
CA GLN A 7 10.84 0.27 -1.44
C GLN A 7 9.47 0.36 -2.08
N ILE A 8 8.48 -0.25 -1.44
CA ILE A 8 7.11 -0.17 -1.91
C ILE A 8 6.38 0.61 -0.83
N LEU A 9 5.94 1.81 -1.21
CA LEU A 9 5.27 2.71 -0.27
C LEU A 9 3.75 2.72 -0.40
N SER A 10 3.08 2.52 0.73
CA SER A 10 1.63 2.53 0.76
C SER A 10 1.22 3.97 0.92
N ARG A 11 0.09 4.35 0.34
CA ARG A 11 -0.37 5.72 0.38
C ARG A 11 -1.61 5.96 1.23
N LEU A 12 -1.54 6.96 2.10
CA LEU A 12 -2.65 7.34 2.94
C LEU A 12 -2.97 8.79 2.62
N TYR A 13 -4.24 9.14 2.67
CA TYR A 13 -4.68 10.49 2.33
C TYR A 13 -5.36 11.13 3.52
N VAL A 14 -4.85 12.29 3.93
CA VAL A 14 -5.41 12.98 5.07
C VAL A 14 -5.60 14.47 4.79
N ALA A 15 -6.43 15.12 5.59
CA ALA A 15 -6.71 16.54 5.40
C ALA A 15 -5.60 17.43 5.92
N ASP A 16 -5.03 17.04 7.07
CA ASP A 16 -3.96 17.80 7.70
C ASP A 16 -2.79 16.89 8.08
N LEU A 17 -1.60 17.28 7.66
CA LEU A 17 -0.41 16.48 7.90
C LEU A 17 0.05 16.40 9.36
N ASN A 18 0.25 17.54 10.01
CA ASN A 18 0.75 17.59 11.38
C ASN A 18 0.12 16.65 12.41
N PRO A 19 -1.21 16.74 12.62
CA PRO A 19 -1.80 15.84 13.61
C PRO A 19 -1.64 14.38 13.23
N ALA A 20 -1.80 14.09 11.94
CA ALA A 20 -1.67 12.72 11.44
C ALA A 20 -0.24 12.21 11.64
N LEU A 21 0.74 13.05 11.32
CA LEU A 21 2.12 12.65 11.47
C LEU A 21 2.41 12.21 12.90
N GLU A 22 1.89 12.95 13.88
CA GLU A 22 2.10 12.61 15.28
C GLU A 22 1.48 11.25 15.59
N PHE A 23 0.29 11.00 15.04
CA PHE A 23 -0.40 9.74 15.27
C PHE A 23 0.39 8.56 14.71
N TYR A 24 0.82 8.65 13.45
CA TYR A 24 1.57 7.56 12.85
C TYR A 24 2.95 7.35 13.47
N GLU A 25 3.58 8.41 13.95
CA GLU A 25 4.88 8.24 14.58
C GLU A 25 4.70 7.38 15.83
N GLU A 26 3.61 7.60 16.55
CA GLU A 26 3.32 6.83 17.75
C GLU A 26 2.89 5.41 17.39
N LEU A 27 1.97 5.30 16.43
CA LEU A 27 1.45 4.01 16.00
C LEU A 27 2.54 3.10 15.46
N LEU A 28 3.45 3.66 14.68
CA LEU A 28 4.52 2.89 14.08
C LEU A 28 5.81 2.94 14.89
N GLU A 29 5.75 3.57 16.06
CA GLU A 29 6.93 3.70 16.92
C GLU A 29 8.15 4.16 16.12
N THR A 30 7.92 5.16 15.27
CA THR A 30 8.95 5.74 14.43
C THR A 30 8.90 7.24 14.72
N PRO A 31 9.85 7.74 15.51
CA PRO A 31 9.92 9.17 15.89
C PRO A 31 10.44 10.16 14.87
N VAL A 32 10.73 9.70 13.66
CA VAL A 32 11.24 10.59 12.62
C VAL A 32 10.51 10.32 11.29
N ALA A 33 10.17 11.40 10.60
CA ALA A 33 9.49 11.32 9.30
C ALA A 33 10.20 12.25 8.35
N ARG A 35 9.88 14.99 5.11
CA ARG A 35 9.00 15.85 4.34
C ARG A 35 9.71 16.06 3.01
N PHE A 36 8.95 16.07 1.92
CA PHE A 36 9.52 16.22 0.60
C PHE A 36 9.08 17.51 -0.07
N GLU A 37 9.97 18.08 -0.87
CA GLU A 37 9.63 19.27 -1.62
C GLU A 37 8.98 18.67 -2.87
N ILE A 38 7.77 19.09 -3.19
CA ILE A 38 7.09 18.55 -4.37
C ILE A 38 6.60 19.68 -5.26
N PRO A 39 6.32 19.36 -6.54
CA PRO A 39 5.84 20.40 -7.46
C PRO A 39 4.39 20.84 -7.23
N GLN A 40 3.53 19.90 -6.84
CA GLN A 40 2.12 20.23 -6.61
C GLN A 40 1.89 21.30 -5.57
N THR A 41 0.81 22.04 -5.73
CA THR A 41 0.41 23.10 -4.82
C THR A 41 -0.82 22.64 -4.03
N GLY A 42 -0.89 23.04 -2.77
CA GLY A 42 -2.03 22.65 -1.96
C GLY A 42 -1.91 21.23 -1.43
N VAL A 43 -0.79 20.57 -1.72
CA VAL A 43 -0.57 19.21 -1.24
C VAL A 43 0.75 19.11 -0.51
N GLU A 44 0.75 18.40 0.61
CA GLU A 44 1.96 18.20 1.39
C GLU A 44 2.23 16.71 1.44
N LEU A 45 3.51 16.35 1.35
CA LEU A 45 3.91 14.95 1.34
C LEU A 45 4.94 14.61 2.41
N ALA A 46 4.69 13.54 3.14
CA ALA A 46 5.60 13.09 4.18
C ALA A 46 5.71 11.58 4.11
N GLN A 47 6.84 11.05 4.56
CA GLN A 47 7.03 9.61 4.59
C GLN A 47 7.34 9.21 6.01
N ILE A 48 6.65 8.20 6.51
CA ILE A 48 6.88 7.70 7.86
C ILE A 48 6.96 6.20 7.65
N SER A 49 8.10 5.61 8.00
CA SER A 49 8.31 4.17 7.78
C SER A 49 8.11 3.99 6.27
N THR A 50 7.31 3.01 5.85
CA THR A 50 7.07 2.83 4.42
C THR A 50 5.70 3.33 3.99
N ILE A 51 5.20 4.32 4.73
CA ILE A 51 3.91 4.94 4.42
C ILE A 51 4.14 6.36 3.91
N LEU A 52 3.43 6.71 2.85
CA LEU A 52 3.49 8.07 2.31
C LEU A 52 2.18 8.71 2.74
N LEU A 53 2.28 9.82 3.48
CA LEU A 53 1.09 10.54 3.92
C LEU A 53 0.93 11.72 2.97
N ILE A 54 -0.20 11.78 2.30
CA ILE A 54 -0.47 12.85 1.34
C ILE A 54 -1.60 13.67 1.94
N ALA A 55 -1.35 14.96 2.16
CA ALA A 55 -2.35 15.81 2.79
C ALA A 55 -2.83 16.97 1.92
N GLY A 56 -4.13 17.21 1.97
CA GLY A 56 -4.72 18.29 1.19
C GLY A 56 -6.24 18.23 1.24
N SER A 57 -6.89 19.15 0.53
CA SER A 57 -8.35 19.16 0.50
C SER A 57 -8.84 17.92 -0.23
N GLU A 58 -10.09 17.55 0.01
CA GLU A 58 -10.69 16.39 -0.65
C GLU A 58 -10.51 16.50 -2.16
N GLU A 59 -10.63 17.72 -2.67
CA GLU A 59 -10.51 17.98 -4.10
C GLU A 59 -9.05 17.87 -4.56
N ALA A 60 -8.14 18.44 -3.78
CA ALA A 60 -6.73 18.42 -4.12
C ALA A 60 -6.16 17.00 -4.09
N LEU A 61 -6.78 16.14 -3.27
CA LEU A 61 -6.33 14.75 -3.13
C LEU A 61 -6.97 13.79 -4.13
N LYS A 62 -8.16 14.12 -4.62
CA LYS A 62 -8.88 13.26 -5.55
C LYS A 62 -8.00 12.57 -6.61
N PRO A 63 -7.24 13.35 -7.40
CA PRO A 63 -6.38 12.75 -8.42
C PRO A 63 -5.31 11.80 -7.88
N PHE A 64 -4.76 12.12 -6.72
CA PHE A 64 -3.72 11.29 -6.10
C PHE A 64 -4.25 9.93 -5.70
N ARG A 65 -5.54 9.85 -5.38
CA ARG A 65 -6.13 8.59 -4.95
C ARG A 65 -6.22 7.54 -6.06
N ASN A 66 -6.03 7.96 -7.31
CA ASN A 66 -6.10 7.04 -8.43
C ASN A 66 -4.85 6.15 -8.50
N THR A 67 -3.83 6.52 -7.75
CA THR A 67 -2.59 5.76 -7.71
C THR A 67 -2.62 4.79 -6.52
N GLN A 68 -2.50 3.49 -6.80
CA GLN A 68 -2.56 2.48 -5.75
C GLN A 68 -1.36 2.46 -4.81
N ALA A 69 -0.17 2.70 -5.35
CA ALA A 69 1.04 2.68 -4.54
C ALA A 69 2.19 3.37 -5.23
N THR A 70 3.27 3.60 -4.49
CA THR A 70 4.45 4.25 -5.03
C THR A 70 5.64 3.29 -4.90
N PHE A 71 6.34 3.06 -6.00
CA PHE A 71 7.51 2.19 -6.00
C PHE A 71 8.77 3.02 -6.14
N LEU A 72 9.66 2.94 -5.15
CA LEU A 72 10.93 3.66 -5.22
C LEU A 72 11.90 2.70 -5.90
N VAL A 73 12.55 3.15 -6.96
CA VAL A 73 13.47 2.31 -7.71
C VAL A 73 14.85 2.95 -7.86
N ASP A 74 15.82 2.14 -8.26
CA ASP A 74 17.19 2.61 -8.44
C ASP A 74 17.39 3.25 -9.81
N SER A 75 16.68 2.75 -10.82
CA SER A 75 16.80 3.29 -12.16
C SER A 75 15.44 3.46 -12.84
N LEU A 76 14.97 4.69 -12.95
CA LEU A 76 13.69 4.94 -13.57
C LEU A 76 13.69 4.54 -15.05
N ASP A 77 14.79 4.82 -15.73
CA ASP A 77 14.88 4.47 -17.16
C ASP A 77 14.77 2.98 -17.41
N LYS A 78 15.49 2.17 -16.63
CA LYS A 78 15.43 0.73 -16.82
C LYS A 78 14.02 0.20 -16.58
N PHE A 79 13.36 0.71 -15.54
CA PHE A 79 12.00 0.26 -15.27
C PHE A 79 11.04 0.69 -16.35
N LYS A 80 11.26 1.88 -16.91
CA LYS A 80 10.37 2.35 -17.97
C LYS A 80 10.44 1.36 -19.13
N THR A 81 11.66 0.96 -19.48
CA THR A 81 11.86 0.02 -20.58
C THR A 81 11.20 -1.33 -20.26
N PHE A 82 11.40 -1.82 -19.04
CA PHE A 82 10.81 -3.08 -18.65
C PHE A 82 9.30 -3.01 -18.74
N LEU A 83 8.73 -1.95 -18.17
CA LEU A 83 7.28 -1.79 -18.17
C LEU A 83 6.68 -1.71 -19.56
N GLU A 84 7.27 -0.89 -20.43
CA GLU A 84 6.75 -0.72 -21.77
C GLU A 84 6.81 -2.03 -22.57
N GLU A 85 7.79 -2.87 -22.25
CA GLU A 85 7.97 -4.15 -22.93
C GLU A 85 7.15 -5.27 -22.30
N ASN A 86 6.48 -4.96 -21.19
CA ASN A 86 5.67 -5.96 -20.51
C ASN A 86 4.22 -5.55 -20.28
N GLY A 87 3.63 -4.96 -21.32
CA GLY A 87 2.22 -4.59 -21.28
C GLY A 87 1.77 -3.40 -20.46
N ALA A 88 2.69 -2.62 -19.90
CA ALA A 88 2.29 -1.47 -19.10
C ALA A 88 2.28 -0.21 -19.93
N GLU A 89 1.49 0.78 -19.50
CA GLU A 89 1.38 2.05 -20.20
C GLU A 89 1.94 3.19 -19.35
N ILE A 90 2.79 4.01 -19.96
CA ILE A 90 3.35 5.16 -19.25
C ILE A 90 2.35 6.30 -19.37
N ILE A 91 1.62 6.54 -18.29
CA ILE A 91 0.60 7.60 -18.26
C ILE A 91 1.21 9.00 -18.18
N ARG A 92 2.11 9.18 -17.23
CA ARG A 92 2.76 10.48 -17.03
C ARG A 92 4.26 10.31 -16.86
N GLY A 93 5.01 11.31 -17.32
CA GLY A 93 6.45 11.28 -17.18
C GLY A 93 7.19 10.31 -18.09
N PRO A 94 8.45 9.98 -17.77
CA PRO A 94 9.18 10.50 -16.60
C PRO A 94 9.31 12.02 -16.58
N SER A 95 9.22 12.60 -15.39
CA SER A 95 9.32 14.04 -15.20
C SER A 95 10.33 14.36 -14.11
N LYS A 96 10.94 15.53 -14.20
CA LYS A 96 11.90 15.94 -13.19
C LYS A 96 11.13 16.59 -12.05
N VAL A 97 11.52 16.25 -10.83
CA VAL A 97 10.89 16.81 -9.64
C VAL A 97 12.00 17.15 -8.65
N PRO A 98 11.69 17.96 -7.63
CA PRO A 98 12.69 18.35 -6.63
C PRO A 98 13.53 17.21 -6.07
N THR A 99 12.91 16.05 -5.83
CA THR A 99 13.61 14.91 -5.25
C THR A 99 14.23 13.94 -6.26
N GLY A 100 14.05 14.20 -7.54
CA GLY A 100 14.63 13.32 -8.55
C GLY A 100 13.75 13.27 -9.79
N ARG A 101 13.24 12.07 -10.10
CA ARG A 101 12.37 11.90 -11.25
C ARG A 101 11.34 10.83 -10.98
N ASN A 102 10.14 11.02 -11.51
CA ASN A 102 9.11 10.01 -11.34
C ASN A 102 8.25 9.88 -12.60
N THR A 104 4.11 7.96 -13.79
CA THR A 104 2.94 7.22 -13.38
C THR A 104 2.70 6.18 -14.47
N VAL A 105 2.46 4.95 -14.04
CA VAL A 105 2.27 3.86 -14.97
C VAL A 105 1.01 3.06 -14.68
N ARG A 106 0.37 2.56 -15.73
CA ARG A 106 -0.79 1.71 -15.56
C ARG A 106 -0.37 0.33 -16.03
N HIS A 107 -0.25 -0.59 -15.08
CA HIS A 107 0.12 -1.97 -15.39
C HIS A 107 -0.98 -2.62 -16.22
N SER A 108 -0.63 -3.71 -16.90
CA SER A 108 -1.60 -4.41 -17.73
C SER A 108 -2.84 -4.79 -16.94
N ASP A 109 -2.65 -5.19 -15.68
CA ASP A 109 -3.77 -5.59 -14.83
C ASP A 109 -4.66 -4.44 -14.37
N GLY A 110 -4.33 -3.21 -14.78
CA GLY A 110 -5.13 -2.06 -14.41
C GLY A 110 -4.61 -1.23 -13.25
N SER A 111 -3.67 -1.77 -12.49
CA SER A 111 -3.11 -1.03 -11.35
C SER A 111 -2.30 0.18 -11.80
N VAL A 112 -2.54 1.32 -11.16
CA VAL A 112 -1.81 2.54 -11.48
C VAL A 112 -0.77 2.70 -10.37
N ILE A 113 0.49 2.79 -10.78
CA ILE A 113 1.60 2.89 -9.85
C ILE A 113 2.51 4.07 -10.15
N GLU A 114 2.95 4.76 -9.11
CA GLU A 114 3.87 5.86 -9.28
C GLU A 114 5.26 5.31 -9.04
N TYR A 115 6.14 5.43 -10.02
CA TYR A 115 7.52 4.98 -9.90
C TYR A 115 8.36 6.22 -9.63
N VAL A 116 9.21 6.16 -8.61
CA VAL A 116 10.04 7.29 -8.25
C VAL A 116 11.50 6.92 -8.13
N GLU A 117 12.36 7.86 -8.52
CA GLU A 117 13.80 7.68 -8.47
C GLU A 117 14.38 8.85 -7.69
N HIS A 118 15.17 8.53 -6.66
CA HIS A 118 15.79 9.54 -5.83
C HIS A 118 17.23 9.79 -6.25
N SER A 119 17.52 11.07 -6.45
CA SER A 119 18.83 11.54 -6.82
C SER A 119 18.71 12.95 -6.34
N LYS A 120 18.93 13.09 -5.03
CA LYS A 120 18.82 14.34 -4.28
C LYS A 120 17.54 14.18 -3.48
N LYS B 4 4.15 -4.14 17.91
CA LYS B 4 5.07 -4.00 16.79
C LYS B 4 4.48 -4.26 15.42
N ILE B 5 4.82 -3.40 14.46
CA ILE B 5 4.38 -3.55 13.08
C ILE B 5 5.45 -4.42 12.44
N LEU B 6 5.06 -5.57 11.91
CA LEU B 6 6.02 -6.48 11.28
C LEU B 6 6.20 -6.15 9.80
N GLN B 7 5.10 -5.84 9.13
CA GLN B 7 5.13 -5.49 7.71
C GLN B 7 3.95 -4.60 7.37
N ILE B 8 4.15 -3.74 6.39
CA ILE B 8 3.08 -2.87 5.90
C ILE B 8 2.88 -3.37 4.48
N LEU B 9 1.71 -3.94 4.21
CA LEU B 9 1.41 -4.49 2.90
C LEU B 9 0.55 -3.59 2.04
N SER B 10 1.02 -3.33 0.83
CA SER B 10 0.28 -2.49 -0.13
C SER B 10 -0.67 -3.39 -0.90
N ARG B 11 -1.88 -2.89 -1.13
CA ARG B 11 -2.92 -3.67 -1.79
C ARG B 11 -3.18 -3.31 -3.25
N LEU B 12 -3.22 -4.32 -4.10
CA LEU B 12 -3.52 -4.13 -5.52
C LEU B 12 -4.72 -5.03 -5.81
N TYR B 13 -5.60 -4.55 -6.67
CA TYR B 13 -6.82 -5.26 -7.03
C TYR B 13 -6.82 -5.61 -8.50
N VAL B 14 -6.96 -6.89 -8.79
CA VAL B 14 -6.95 -7.38 -10.16
C VAL B 14 -8.09 -8.35 -10.44
N ALA B 15 -8.36 -8.59 -11.71
CA ALA B 15 -9.44 -9.49 -12.10
C ALA B 15 -9.04 -10.95 -11.91
N ASP B 16 -7.80 -11.29 -12.24
CA ASP B 16 -7.33 -12.66 -12.11
C ASP B 16 -5.87 -12.72 -11.66
N LEU B 17 -5.60 -13.58 -10.68
CA LEU B 17 -4.25 -13.71 -10.15
C LEU B 17 -3.19 -14.23 -11.11
N ASN B 18 -3.51 -15.29 -11.85
CA ASN B 18 -2.55 -15.91 -12.76
C ASN B 18 -1.68 -14.97 -13.60
N PRO B 19 -2.27 -14.28 -14.59
CA PRO B 19 -1.42 -13.38 -15.38
C PRO B 19 -0.73 -12.31 -14.55
N ALA B 20 -1.46 -11.75 -13.59
CA ALA B 20 -0.91 -10.71 -12.73
C ALA B 20 0.31 -11.22 -11.96
N LEU B 21 0.20 -12.39 -11.34
CA LEU B 21 1.33 -12.93 -10.58
C LEU B 21 2.58 -13.06 -11.43
N GLU B 22 2.42 -13.60 -12.64
CA GLU B 22 3.56 -13.77 -13.53
C GLU B 22 4.25 -12.42 -13.71
N PHE B 23 3.47 -11.38 -13.94
CA PHE B 23 4.02 -10.05 -14.12
C PHE B 23 4.78 -9.57 -12.89
N TYR B 24 4.17 -9.66 -11.73
CA TYR B 24 4.85 -9.20 -10.52
C TYR B 24 6.07 -10.04 -10.15
N GLU B 25 6.06 -11.33 -10.48
CA GLU B 25 7.22 -12.17 -10.17
C GLU B 25 8.40 -11.67 -11.00
N GLU B 26 8.10 -11.21 -12.21
CA GLU B 26 9.13 -10.70 -13.10
C GLU B 26 9.58 -9.31 -12.66
N LEU B 27 8.61 -8.42 -12.42
CA LEU B 27 8.90 -7.05 -12.01
C LEU B 27 9.71 -7.00 -10.71
N LEU B 28 9.30 -7.81 -9.74
CA LEU B 28 9.96 -7.86 -8.44
C LEU B 28 11.09 -8.88 -8.37
N GLU B 29 11.35 -9.55 -9.48
CA GLU B 29 12.41 -10.55 -9.54
C GLU B 29 12.33 -11.50 -8.35
N THR B 30 11.13 -12.03 -8.13
CA THR B 30 10.86 -12.98 -7.05
C THR B 30 10.05 -14.11 -7.68
N PRO B 31 10.62 -15.32 -7.77
CA PRO B 31 9.97 -16.49 -8.36
C PRO B 31 8.93 -17.22 -7.52
N VAL B 32 8.58 -16.66 -6.37
CA VAL B 32 7.57 -17.30 -5.53
C VAL B 32 6.62 -16.29 -4.91
N ALA B 33 5.42 -16.75 -4.63
CA ALA B 33 4.40 -15.92 -4.02
C ALA B 33 3.61 -16.80 -3.07
N ARG B 35 -0.03 -17.93 -1.18
CA ARG B 35 -1.48 -17.94 -1.37
C ARG B 35 -2.04 -18.23 0.00
N PHE B 36 -3.09 -17.51 0.38
CA PHE B 36 -3.68 -17.66 1.70
C PHE B 36 -5.09 -18.20 1.66
N GLU B 37 -5.45 -18.92 2.71
CA GLU B 37 -6.79 -19.46 2.87
C GLU B 37 -7.57 -18.31 3.50
N ILE B 38 -8.67 -17.91 2.87
CA ILE B 38 -9.47 -16.83 3.41
C ILE B 38 -10.96 -17.18 3.44
N PRO B 39 -11.73 -16.47 4.26
CA PRO B 39 -13.18 -16.71 4.38
C PRO B 39 -14.04 -16.18 3.23
N GLN B 40 -13.68 -15.04 2.66
CA GLN B 40 -14.46 -14.46 1.56
C GLN B 40 -14.50 -15.35 0.33
N THR B 41 -15.69 -15.46 -0.27
CA THR B 41 -15.87 -16.25 -1.47
C THR B 41 -15.76 -15.33 -2.69
N GLY B 42 -15.32 -15.86 -3.82
CA GLY B 42 -15.19 -15.07 -5.02
C GLY B 42 -14.02 -14.10 -5.00
N VAL B 43 -13.12 -14.28 -4.05
CA VAL B 43 -11.94 -13.44 -3.93
C VAL B 43 -10.74 -14.33 -3.61
N GLU B 44 -9.63 -14.09 -4.30
CA GLU B 44 -8.40 -14.85 -4.09
C GLU B 44 -7.33 -13.89 -3.59
N LEU B 45 -6.54 -14.34 -2.62
CA LEU B 45 -5.50 -13.50 -2.04
C LEU B 45 -4.11 -14.10 -2.22
N ALA B 46 -3.17 -13.28 -2.71
CA ALA B 46 -1.79 -13.70 -2.89
C ALA B 46 -0.86 -12.62 -2.37
N GLN B 47 0.34 -13.01 -1.95
CA GLN B 47 1.30 -12.01 -1.50
C GLN B 47 2.62 -12.24 -2.21
N ILE B 48 3.16 -11.18 -2.78
CA ILE B 48 4.45 -11.25 -3.46
C ILE B 48 5.22 -10.05 -2.92
N SER B 49 6.40 -10.29 -2.35
CA SER B 49 7.17 -9.21 -1.72
C SER B 49 6.20 -8.64 -0.67
N THR B 50 6.08 -7.32 -0.58
CA THR B 50 5.15 -6.70 0.39
C THR B 50 3.86 -6.23 -0.27
N ILE B 51 3.52 -6.86 -1.39
CA ILE B 51 2.30 -6.53 -2.11
C ILE B 51 1.26 -7.62 -1.91
N LEU B 52 0.03 -7.22 -1.59
CA LEU B 52 -1.06 -8.17 -1.43
C LEU B 52 -1.90 -8.02 -2.68
N LEU B 53 -2.00 -9.09 -3.46
CA LEU B 53 -2.81 -9.09 -4.67
C LEU B 53 -4.16 -9.70 -4.35
N ILE B 54 -5.22 -8.92 -4.54
CA ILE B 54 -6.59 -9.35 -4.28
C ILE B 54 -7.29 -9.45 -5.64
N ALA B 55 -7.73 -10.66 -5.99
CA ALA B 55 -8.38 -10.88 -7.28
C ALA B 55 -9.84 -11.29 -7.19
N GLY B 56 -10.62 -10.80 -8.14
CA GLY B 56 -12.05 -11.11 -8.18
C GLY B 56 -12.77 -10.17 -9.12
N SER B 57 -14.07 -10.36 -9.28
CA SER B 57 -14.85 -9.51 -10.16
C SER B 57 -14.87 -8.09 -9.62
N GLU B 58 -15.13 -7.12 -10.48
CA GLU B 58 -15.16 -5.73 -10.04
C GLU B 58 -16.14 -5.55 -8.88
N GLU B 59 -17.20 -6.36 -8.87
CA GLU B 59 -18.19 -6.27 -7.81
C GLU B 59 -17.66 -6.88 -6.52
N ALA B 60 -17.01 -8.03 -6.63
CA ALA B 60 -16.45 -8.71 -5.47
C ALA B 60 -15.32 -7.90 -4.82
N LEU B 61 -14.59 -7.16 -5.64
CA LEU B 61 -13.47 -6.34 -5.18
C LEU B 61 -13.88 -5.01 -4.56
N LYS B 62 -15.02 -4.48 -4.98
CA LYS B 62 -15.48 -3.19 -4.49
C LYS B 62 -15.28 -2.93 -3.00
N PRO B 63 -15.84 -3.79 -2.12
CA PRO B 63 -15.67 -3.58 -0.68
C PRO B 63 -14.22 -3.64 -0.20
N PHE B 64 -13.39 -4.41 -0.88
CA PHE B 64 -11.99 -4.55 -0.51
C PHE B 64 -11.19 -3.27 -0.81
N ARG B 65 -11.65 -2.51 -1.78
CA ARG B 65 -10.96 -1.27 -2.15
C ARG B 65 -11.06 -0.17 -1.12
N ASN B 66 -11.96 -0.32 -0.15
CA ASN B 66 -12.11 0.71 0.87
C ASN B 66 -10.98 0.68 1.90
N THR B 67 -10.22 -0.40 1.90
CA THR B 67 -9.10 -0.53 2.84
C THR B 67 -7.83 -0.03 2.16
N GLN B 68 -7.20 0.97 2.76
CA GLN B 68 -5.99 1.60 2.22
C GLN B 68 -4.77 0.69 2.20
N ALA B 69 -4.56 -0.06 3.28
CA ALA B 69 -3.41 -0.93 3.40
C ALA B 69 -3.62 -1.97 4.50
N THR B 70 -2.71 -2.92 4.57
CA THR B 70 -2.77 -3.98 5.58
C THR B 70 -1.51 -3.95 6.42
N PHE B 71 -1.69 -3.93 7.74
CA PHE B 71 -0.57 -3.92 8.66
C PHE B 71 -0.48 -5.28 9.33
N LEU B 72 0.62 -5.99 9.10
CA LEU B 72 0.85 -7.28 9.76
C LEU B 72 1.48 -6.90 11.09
N VAL B 73 0.86 -7.33 12.19
CA VAL B 73 1.37 -6.97 13.52
C VAL B 73 1.61 -8.18 14.42
N ASP B 74 2.35 -7.96 15.50
CA ASP B 74 2.66 -9.03 16.44
C ASP B 74 1.47 -9.34 17.34
N SER B 75 0.72 -8.31 17.74
CA SER B 75 -0.42 -8.49 18.62
C SER B 75 -1.59 -7.55 18.32
N LEU B 76 -2.71 -8.10 17.87
CA LEU B 76 -3.89 -7.28 17.57
C LEU B 76 -4.39 -6.56 18.81
N ASP B 77 -4.45 -7.28 19.92
CA ASP B 77 -4.96 -6.71 21.17
C ASP B 77 -4.24 -5.45 21.61
N LYS B 78 -2.91 -5.45 21.52
CA LYS B 78 -2.14 -4.27 21.92
C LYS B 78 -2.50 -3.07 21.04
N PHE B 79 -2.62 -3.30 19.74
CA PHE B 79 -2.98 -2.24 18.80
C PHE B 79 -4.41 -1.78 18.99
N LYS B 80 -5.31 -2.73 19.28
CA LYS B 80 -6.71 -2.39 19.48
C LYS B 80 -6.83 -1.37 20.61
N THR B 81 -6.14 -1.63 21.71
CA THR B 81 -6.16 -0.75 22.86
C THR B 81 -5.63 0.64 22.49
N PHE B 82 -4.46 0.68 21.88
CA PHE B 82 -3.86 1.95 21.48
C PHE B 82 -4.80 2.71 20.55
N LEU B 83 -5.32 2.03 19.54
CA LEU B 83 -6.21 2.66 18.59
C LEU B 83 -7.48 3.25 19.22
N GLU B 84 -8.12 2.49 20.10
CA GLU B 84 -9.33 2.96 20.75
C GLU B 84 -9.06 4.17 21.65
N GLU B 85 -7.84 4.26 22.18
CA GLU B 85 -7.47 5.36 23.05
C GLU B 85 -6.92 6.53 22.24
N ASN B 86 -6.88 6.37 20.93
CA ASN B 86 -6.36 7.43 20.09
C ASN B 86 -7.26 7.86 18.93
N GLY B 87 -8.57 7.90 19.19
CA GLY B 87 -9.53 8.34 18.21
C GLY B 87 -9.88 7.43 17.05
N ALA B 88 -9.46 6.17 17.10
CA ALA B 88 -9.78 5.23 16.03
C ALA B 88 -11.01 4.38 16.36
N GLU B 89 -11.71 3.94 15.33
CA GLU B 89 -12.90 3.12 15.49
C GLU B 89 -12.65 1.72 14.95
N ILE B 90 -12.89 0.69 15.76
CA ILE B 90 -12.71 -0.68 15.30
C ILE B 90 -14.02 -1.02 14.62
N ILE B 91 -14.00 -1.15 13.29
CA ILE B 91 -15.23 -1.44 12.55
C ILE B 91 -15.51 -2.89 12.18
N ARG B 92 -14.51 -3.76 12.32
CA ARG B 92 -14.66 -5.20 12.03
C ARG B 92 -13.70 -5.99 12.90
N GLY B 93 -14.19 -7.04 13.54
CA GLY B 93 -13.32 -7.86 14.37
C GLY B 93 -12.94 -7.24 15.69
N PRO B 94 -11.92 -7.77 16.38
CA PRO B 94 -11.09 -8.93 16.00
C PRO B 94 -11.89 -10.19 15.67
N SER B 95 -11.48 -10.89 14.62
CA SER B 95 -12.16 -12.10 14.18
C SER B 95 -11.13 -13.14 13.81
N LYS B 96 -11.44 -14.40 14.11
CA LYS B 96 -10.53 -15.49 13.78
C LYS B 96 -10.64 -15.81 12.29
N VAL B 97 -9.49 -16.01 11.66
CA VAL B 97 -9.44 -16.36 10.25
C VAL B 97 -8.45 -17.51 10.13
N PRO B 98 -8.46 -18.25 9.00
CA PRO B 98 -7.53 -19.37 8.83
C PRO B 98 -6.07 -19.07 9.14
N THR B 99 -5.63 -17.85 8.81
CA THR B 99 -4.24 -17.48 9.04
C THR B 99 -3.97 -16.84 10.40
N GLY B 100 -5.02 -16.65 11.20
CA GLY B 100 -4.84 -16.05 12.52
C GLY B 100 -6.04 -15.22 12.94
N ARG B 101 -5.84 -13.91 13.06
CA ARG B 101 -6.93 -13.02 13.46
C ARG B 101 -6.78 -11.68 12.75
N ASN B 102 -7.88 -11.06 12.38
CA ASN B 102 -7.81 -9.75 11.72
C ASN B 102 -8.86 -8.82 12.30
N THR B 104 -10.54 -4.63 11.12
CA THR B 104 -10.46 -3.49 10.22
C THR B 104 -10.73 -2.27 11.07
N VAL B 105 -9.94 -1.23 10.87
CA VAL B 105 -10.04 -0.04 11.69
C VAL B 105 -10.11 1.26 10.90
N ARG B 106 -10.94 2.19 11.37
CA ARG B 106 -11.02 3.49 10.75
C ARG B 106 -10.27 4.45 11.65
N HIS B 107 -9.11 4.92 11.18
CA HIS B 107 -8.32 5.87 11.94
C HIS B 107 -9.07 7.20 12.00
N SER B 108 -8.76 8.01 12.99
CA SER B 108 -9.39 9.31 13.14
C SER B 108 -9.29 10.14 11.86
N ASP B 109 -8.18 10.04 11.16
CA ASP B 109 -8.00 10.81 9.93
C ASP B 109 -8.81 10.27 8.77
N GLY B 110 -9.56 9.19 8.99
CA GLY B 110 -10.39 8.64 7.93
C GLY B 110 -9.83 7.42 7.22
N SER B 111 -8.55 7.15 7.39
CA SER B 111 -7.93 6.00 6.74
C SER B 111 -8.50 4.69 7.28
N VAL B 112 -8.72 3.74 6.39
CA VAL B 112 -9.23 2.43 6.78
C VAL B 112 -8.08 1.43 6.61
N ILE B 113 -7.69 0.80 7.71
CA ILE B 113 -6.57 -0.13 7.68
C ILE B 113 -6.95 -1.50 8.23
N GLU B 114 -6.44 -2.55 7.58
CA GLU B 114 -6.70 -3.91 8.04
C GLU B 114 -5.49 -4.34 8.85
N TYR B 115 -5.72 -4.72 10.11
CA TYR B 115 -4.65 -5.19 10.97
C TYR B 115 -4.73 -6.71 11.03
N VAL B 116 -3.62 -7.38 10.76
CA VAL B 116 -3.60 -8.83 10.75
C VAL B 116 -2.55 -9.41 11.67
N GLU B 117 -2.89 -10.51 12.33
CA GLU B 117 -1.98 -11.20 13.23
C GLU B 117 -1.93 -12.64 12.72
N HIS B 118 -0.73 -13.11 12.39
CA HIS B 118 -0.57 -14.46 11.89
C HIS B 118 -0.31 -15.44 13.03
N SER B 119 -0.95 -16.61 12.97
CA SER B 119 -0.74 -17.62 14.00
C SER B 119 0.54 -18.37 13.68
N LYS B 120 0.80 -19.46 14.40
CA LYS B 120 2.01 -20.24 14.18
C LYS B 120 2.25 -20.64 12.72
N ILE B 121 1.77 -21.84 12.36
CA ILE B 121 1.93 -22.38 11.01
C ILE B 121 3.41 -22.46 10.62
N GLU B 122 3.92 -23.68 10.46
CA GLU B 122 5.31 -23.90 10.10
C GLU B 122 5.64 -23.26 8.75
N LEU B 126 8.02 -24.62 5.84
CA LEU B 126 8.98 -25.52 5.23
C LEU B 126 9.06 -25.31 3.72
N TYR B 127 8.38 -24.28 3.22
CA TYR B 127 8.37 -23.97 1.80
C TYR B 127 9.70 -23.36 1.34
N PHE B 128 10.50 -22.90 2.30
CA PHE B 128 11.78 -22.30 1.97
C PHE B 128 12.95 -23.20 2.39
#